data_4M24
#
_entry.id   4M24
#
_cell.length_a   51.700
_cell.length_b   63.250
_cell.length_c   98.530
_cell.angle_alpha   90.00
_cell.angle_beta   90.00
_cell.angle_gamma   90.00
#
_symmetry.space_group_name_H-M   'P 21 21 21'
#
loop_
_entity.id
_entity.type
_entity.pdbx_description
1 polymer Endoglucanase
2 branched beta-D-glucopyranose-(1-4)-beta-D-glucopyranose
3 non-polymer 2-AMINO-2-HYDROXYMETHYL-PROPANE-1,3-DIOL
4 water water
#
_entity_poly.entity_id   1
_entity_poly.type   'polypeptide(L)'
_entity_poly.pdbx_seq_one_letter_code
;SVDLIGINVAGAEFTGGKLPGKHGTHYFFPPEGYFEYWSEQGIHTVRFPLKWERLQPSLNAELDDVYASLVDDMLDQAKE
NDIKVILDVHNYARYRKKVIGTEDVPVSAYQDLMERIAKRWQGHDALFAYDIMNEPYGSADKLWPAAAQAGIDGVRKYDK
KRPLLIEGASWSSAARWPRYADELLKLKDPADNMVFSAHVYIDEDASGSYKKGPGKDFEPMIGVKRVEPFVNWLKEHGKK
GHIGEFGIPNDDERWLDAMDKLLAYLNENCIPINYWAAGPSWGNYKLSIEPKDGEKRPQVALLKKYAAKDNCSDFGPAKA
E
;
_entity_poly.pdbx_strand_id   A
#
loop_
_chem_comp.id
_chem_comp.type
_chem_comp.name
_chem_comp.formula
BGC D-saccharide, beta linking beta-D-glucopyranose 'C6 H12 O6'
TRS non-polymer 2-AMINO-2-HYDROXYMETHYL-PROPANE-1,3-DIOL 'C4 H12 N O3 1'
#
# COMPACT_ATOMS: atom_id res chain seq x y z
N SER A 1 0.38 -9.45 15.04
CA SER A 1 1.75 -9.48 14.54
C SER A 1 1.92 -8.64 13.27
N VAL A 2 3.08 -8.02 13.15
CA VAL A 2 3.39 -7.20 11.99
C VAL A 2 4.34 -7.94 11.06
N ASP A 3 3.86 -8.35 9.90
CA ASP A 3 4.68 -9.07 8.95
C ASP A 3 5.58 -8.12 8.18
N LEU A 4 6.87 -8.39 8.12
CA LEU A 4 7.80 -7.59 7.33
C LEU A 4 7.56 -7.75 5.82
N ILE A 5 7.11 -8.93 5.41
CA ILE A 5 6.89 -9.23 3.99
C ILE A 5 5.42 -9.39 3.64
N GLY A 6 5.00 -8.66 2.61
CA GLY A 6 3.62 -8.66 2.15
C GLY A 6 3.53 -8.31 0.68
N ILE A 7 2.34 -8.44 0.10
CA ILE A 7 2.15 -8.14 -1.30
C ILE A 7 0.88 -7.32 -1.52
N ASN A 8 0.88 -6.52 -2.57
CA ASN A 8 -0.36 -5.92 -3.06
C ASN A 8 -1.13 -6.94 -3.88
N VAL A 9 -2.44 -6.93 -3.71
CA VAL A 9 -3.33 -7.70 -4.56
C VAL A 9 -4.25 -6.70 -5.24
N ALA A 10 -3.92 -6.36 -6.49
CA ALA A 10 -4.59 -5.29 -7.21
C ALA A 10 -5.62 -5.82 -8.19
N GLY A 11 -6.63 -5.01 -8.48
CA GLY A 11 -7.63 -5.36 -9.46
C GLY A 11 -8.98 -4.69 -9.18
N ALA A 12 -9.28 -4.42 -7.92
CA ALA A 12 -10.59 -3.89 -7.57
C ALA A 12 -10.71 -2.43 -7.98
N GLU A 13 -9.57 -1.82 -8.26
CA GLU A 13 -9.48 -0.39 -8.55
C GLU A 13 -9.27 -0.11 -10.04
N PHE A 14 -9.25 -1.18 -10.84
CA PHE A 14 -8.94 -1.07 -12.26
C PHE A 14 -9.99 -0.31 -13.06
N THR A 15 -9.58 0.17 -14.24
CA THR A 15 -10.46 0.83 -15.21
C THR A 15 -11.27 1.95 -14.57
N GLY A 16 -10.56 2.96 -14.09
CA GLY A 16 -11.18 4.06 -13.38
C GLY A 16 -12.21 4.84 -14.18
N GLY A 17 -12.14 4.69 -15.50
CA GLY A 17 -13.05 5.32 -16.43
C GLY A 17 -14.47 4.81 -16.37
N LYS A 18 -14.64 3.60 -15.83
CA LYS A 18 -15.95 2.98 -15.77
C LYS A 18 -16.46 2.92 -14.33
N LEU A 19 -17.49 3.70 -14.06
CA LEU A 19 -18.12 3.79 -12.76
C LEU A 19 -19.61 3.74 -12.94
N PRO A 20 -20.31 2.83 -12.24
CA PRO A 20 -19.72 1.87 -11.30
C PRO A 20 -18.80 0.84 -11.93
N GLY A 21 -19.05 0.52 -13.19
CA GLY A 21 -18.28 -0.52 -13.85
C GLY A 21 -18.84 -1.89 -13.49
N LYS A 22 -18.35 -2.91 -14.16
CA LYS A 22 -18.87 -4.25 -13.94
C LYS A 22 -17.79 -5.20 -13.45
N HIS A 23 -18.06 -5.86 -12.35
CA HIS A 23 -17.13 -6.85 -11.84
C HIS A 23 -16.93 -7.97 -12.86
N GLY A 24 -15.69 -8.31 -13.15
CA GLY A 24 -15.37 -9.35 -14.12
C GLY A 24 -15.12 -8.80 -15.50
N THR A 25 -15.38 -7.51 -15.67
CA THR A 25 -15.13 -6.85 -16.95
C THR A 25 -14.17 -5.67 -16.80
N HIS A 26 -14.51 -4.76 -15.89
CA HIS A 26 -13.71 -3.57 -15.65
C HIS A 26 -12.81 -3.65 -14.44
N TYR A 27 -13.23 -4.43 -13.44
CA TYR A 27 -12.43 -4.60 -12.23
C TYR A 27 -12.60 -6.02 -11.73
N PHE A 28 -11.72 -6.43 -10.82
CA PHE A 28 -11.57 -7.84 -10.51
C PHE A 28 -11.18 -8.06 -9.06
N PHE A 29 -11.99 -8.84 -8.35
CA PHE A 29 -11.68 -9.29 -7.00
C PHE A 29 -11.12 -10.71 -7.04
N PRO A 30 -10.43 -11.13 -5.97
CA PRO A 30 -9.87 -12.49 -5.96
C PRO A 30 -10.94 -13.57 -6.11
N PRO A 31 -10.76 -14.48 -7.07
CA PRO A 31 -11.72 -15.58 -7.19
C PRO A 31 -11.45 -16.70 -6.19
N GLU A 32 -12.28 -17.73 -6.23
CA GLU A 32 -12.06 -18.91 -5.39
C GLU A 32 -10.64 -19.41 -5.55
N GLY A 33 -10.03 -19.76 -4.42
CA GLY A 33 -8.71 -20.35 -4.39
C GLY A 33 -7.55 -19.39 -4.53
N TYR A 34 -7.86 -18.11 -4.70
CA TYR A 34 -6.81 -17.14 -4.92
C TYR A 34 -5.83 -16.97 -3.76
N PHE A 35 -6.34 -16.85 -2.54
CA PHE A 35 -5.45 -16.62 -1.40
C PHE A 35 -4.70 -17.87 -0.98
N GLU A 36 -5.25 -19.03 -1.30
CA GLU A 36 -4.62 -20.27 -0.90
CA GLU A 36 -4.64 -20.29 -0.90
C GLU A 36 -3.25 -20.35 -1.51
N TYR A 37 -3.10 -19.95 -2.76
CA TYR A 37 -1.80 -19.99 -3.41
C TYR A 37 -0.79 -19.13 -2.65
N TRP A 38 -1.16 -17.90 -2.32
CA TRP A 38 -0.24 -17.00 -1.67
C TRP A 38 0.10 -17.43 -0.24
N SER A 39 -0.89 -17.96 0.47
CA SER A 39 -0.66 -18.47 1.82
C SER A 39 0.33 -19.62 1.79
N GLU A 40 0.17 -20.51 0.82
CA GLU A 40 1.06 -21.66 0.65
CA GLU A 40 1.08 -21.66 0.67
C GLU A 40 2.49 -21.21 0.33
N GLN A 41 2.61 -20.07 -0.33
CA GLN A 41 3.90 -19.48 -0.64
C GLN A 41 4.54 -18.89 0.61
N GLY A 42 3.77 -18.75 1.68
CA GLY A 42 4.29 -18.19 2.91
C GLY A 42 4.06 -16.69 3.08
N ILE A 43 3.19 -16.12 2.27
CA ILE A 43 2.85 -14.69 2.35
C ILE A 43 1.59 -14.54 3.18
N HIS A 44 1.63 -13.71 4.22
CA HIS A 44 0.48 -13.61 5.12
C HIS A 44 -0.11 -12.22 5.31
N THR A 45 0.43 -11.25 4.59
CA THR A 45 -0.09 -9.90 4.60
C THR A 45 -0.32 -9.40 3.18
N VAL A 46 -1.50 -8.83 2.94
CA VAL A 46 -1.86 -8.28 1.66
CA VAL A 46 -1.81 -8.26 1.63
C VAL A 46 -2.34 -6.84 1.75
N ARG A 47 -1.94 -6.00 0.82
CA ARG A 47 -2.51 -4.64 0.69
C ARG A 47 -3.49 -4.71 -0.48
N PHE A 48 -4.71 -4.26 -0.22
CA PHE A 48 -5.76 -4.37 -1.21
C PHE A 48 -6.36 -3.03 -1.64
N PRO A 49 -6.03 -2.60 -2.85
CA PRO A 49 -6.61 -1.36 -3.40
C PRO A 49 -8.12 -1.43 -3.60
N LEU A 50 -8.79 -0.33 -3.28
CA LEU A 50 -10.23 -0.16 -3.49
C LEU A 50 -10.45 1.19 -4.16
N LYS A 51 -11.50 1.31 -4.96
CA LYS A 51 -11.83 2.57 -5.63
CA LYS A 51 -11.82 2.57 -5.61
C LYS A 51 -12.92 3.29 -4.83
N TRP A 52 -12.62 4.50 -4.37
CA TRP A 52 -13.56 5.28 -3.56
C TRP A 52 -14.90 5.44 -4.27
N GLU A 53 -14.85 5.78 -5.56
CA GLU A 53 -16.07 6.05 -6.31
C GLU A 53 -16.99 4.82 -6.42
N ARG A 54 -16.41 3.63 -6.35
CA ARG A 54 -17.20 2.40 -6.37
C ARG A 54 -17.77 2.07 -4.99
N LEU A 55 -16.99 2.33 -3.96
CA LEU A 55 -17.42 2.14 -2.58
CA LEU A 55 -17.46 2.09 -2.60
C LEU A 55 -18.54 3.11 -2.23
N GLN A 56 -18.40 4.33 -2.72
CA GLN A 56 -19.32 5.42 -2.40
C GLN A 56 -19.69 6.23 -3.64
N PRO A 57 -20.69 5.80 -4.41
CA PRO A 57 -21.09 6.50 -5.65
C PRO A 57 -21.59 7.91 -5.40
N SER A 58 -22.00 8.19 -4.15
CA SER A 58 -22.39 9.53 -3.74
CA SER A 58 -22.38 9.53 -3.74
C SER A 58 -21.74 9.83 -2.39
N LEU A 59 -21.18 11.03 -2.26
CA LEU A 59 -20.54 11.42 -1.01
C LEU A 59 -21.54 11.44 0.14
N ASN A 60 -21.05 11.18 1.35
CA ASN A 60 -21.86 11.29 2.55
C ASN A 60 -23.10 10.43 2.50
N ALA A 61 -22.95 9.26 1.92
CA ALA A 61 -24.04 8.31 1.79
C ALA A 61 -23.52 6.88 1.97
N GLU A 62 -24.46 5.96 2.16
CA GLU A 62 -24.17 4.57 2.44
C GLU A 62 -23.30 3.93 1.38
N LEU A 63 -22.44 3.01 1.80
CA LEU A 63 -21.55 2.32 0.89
C LEU A 63 -22.36 1.47 -0.08
N ASP A 64 -21.86 1.35 -1.29
CA ASP A 64 -22.52 0.55 -2.32
C ASP A 64 -22.60 -0.92 -1.91
N ASP A 65 -23.82 -1.45 -1.88
CA ASP A 65 -24.06 -2.84 -1.48
C ASP A 65 -23.21 -3.84 -2.27
N VAL A 66 -23.27 -3.77 -3.59
CA VAL A 66 -22.55 -4.74 -4.38
C VAL A 66 -21.03 -4.68 -4.26
N TYR A 67 -20.44 -3.50 -4.37
CA TYR A 67 -18.99 -3.38 -4.26
C TYR A 67 -18.48 -3.66 -2.85
N ALA A 68 -19.17 -3.12 -1.86
CA ALA A 68 -18.76 -3.37 -0.48
C ALA A 68 -18.90 -4.85 -0.13
N SER A 69 -19.90 -5.51 -0.71
CA SER A 69 -20.08 -6.93 -0.45
C SER A 69 -18.95 -7.76 -1.08
N LEU A 70 -18.44 -7.31 -2.24
CA LEU A 70 -17.26 -7.95 -2.80
C LEU A 70 -16.06 -7.83 -1.86
N VAL A 71 -15.94 -6.70 -1.18
CA VAL A 71 -14.89 -6.52 -0.19
C VAL A 71 -15.12 -7.48 0.98
N ASP A 72 -16.38 -7.60 1.45
CA ASP A 72 -16.71 -8.59 2.48
C ASP A 72 -16.20 -9.97 2.06
N ASP A 73 -16.51 -10.37 0.82
CA ASP A 73 -16.14 -11.71 0.34
C ASP A 73 -14.63 -11.89 0.36
N MET A 74 -13.91 -10.87 -0.07
CA MET A 74 -12.46 -10.93 -0.13
C MET A 74 -11.88 -11.09 1.27
N LEU A 75 -12.40 -10.35 2.23
CA LEU A 75 -11.92 -10.44 3.60
C LEU A 75 -12.22 -11.83 4.16
N ASP A 76 -13.39 -12.38 3.84
CA ASP A 76 -13.75 -13.72 4.28
C ASP A 76 -12.73 -14.72 3.75
N GLN A 77 -12.39 -14.60 2.47
CA GLN A 77 -11.45 -15.54 1.87
C GLN A 77 -10.06 -15.39 2.47
N ALA A 78 -9.68 -14.16 2.77
CA ALA A 78 -8.38 -13.92 3.38
C ALA A 78 -8.30 -14.61 4.74
N LYS A 79 -9.34 -14.47 5.55
CA LYS A 79 -9.42 -15.09 6.84
CA LYS A 79 -9.44 -15.09 6.85
C LYS A 79 -9.37 -16.62 6.75
N GLU A 80 -10.01 -17.20 5.76
CA GLU A 80 -10.00 -18.64 5.54
CA GLU A 80 -9.96 -18.63 5.55
C GLU A 80 -8.57 -19.12 5.26
N ASN A 81 -7.75 -18.22 4.74
CA ASN A 81 -6.43 -18.58 4.24
C ASN A 81 -5.25 -18.01 5.02
N ASP A 82 -5.51 -17.58 6.25
CA ASP A 82 -4.46 -17.07 7.11
C ASP A 82 -3.77 -15.82 6.54
N ILE A 83 -4.56 -14.96 5.92
CA ILE A 83 -4.02 -13.72 5.38
CA ILE A 83 -4.09 -13.71 5.31
C ILE A 83 -4.65 -12.51 6.05
N LYS A 84 -3.80 -11.54 6.34
CA LYS A 84 -4.16 -10.28 6.98
C LYS A 84 -4.19 -9.17 5.93
N VAL A 85 -5.21 -8.32 5.96
CA VAL A 85 -5.43 -7.38 4.86
C VAL A 85 -5.36 -5.92 5.27
N ILE A 86 -4.60 -5.16 4.49
CA ILE A 86 -4.59 -3.71 4.61
C ILE A 86 -5.50 -3.16 3.53
N LEU A 87 -6.61 -2.53 3.93
CA LEU A 87 -7.49 -1.90 2.94
C LEU A 87 -6.87 -0.58 2.52
N ASP A 88 -6.81 -0.34 1.21
CA ASP A 88 -6.17 0.85 0.65
C ASP A 88 -7.20 1.63 -0.16
N VAL A 89 -7.52 2.85 0.26
CA VAL A 89 -8.38 3.72 -0.54
C VAL A 89 -7.49 4.31 -1.64
N HIS A 90 -7.62 3.77 -2.84
CA HIS A 90 -6.58 3.95 -3.86
C HIS A 90 -6.91 5.13 -4.75
N ASN A 91 -6.92 6.34 -4.19
CA ASN A 91 -7.57 7.46 -4.86
C ASN A 91 -6.81 8.75 -5.07
N TYR A 92 -5.53 8.80 -4.70
CA TYR A 92 -4.70 9.96 -5.06
C TYR A 92 -5.25 11.27 -4.46
N ALA A 93 -5.92 11.14 -3.33
CA ALA A 93 -6.50 12.28 -2.61
C ALA A 93 -7.56 13.02 -3.42
N ARG A 94 -8.26 12.27 -4.27
CA ARG A 94 -9.28 12.84 -5.14
C ARG A 94 -10.53 11.96 -5.18
N TYR A 95 -11.68 12.61 -5.35
CA TYR A 95 -12.94 11.92 -5.60
C TYR A 95 -13.53 12.50 -6.88
N ARG A 96 -13.81 11.61 -7.83
CA ARG A 96 -14.21 12.04 -9.16
C ARG A 96 -13.33 13.20 -9.66
N LYS A 97 -12.02 13.02 -9.52
CA LYS A 97 -10.98 13.94 -10.00
C LYS A 97 -10.84 15.26 -9.27
N LYS A 98 -11.58 15.43 -8.20
CA LYS A 98 -11.51 16.65 -7.42
C LYS A 98 -10.81 16.41 -6.10
N VAL A 99 -9.91 17.32 -5.73
CA VAL A 99 -9.08 17.17 -4.53
C VAL A 99 -9.85 17.28 -3.22
N ILE A 100 -9.50 16.44 -2.25
CA ILE A 100 -10.16 16.50 -0.96
C ILE A 100 -9.77 17.83 -0.34
N GLY A 101 -10.76 18.61 0.07
CA GLY A 101 -10.54 19.92 0.64
C GLY A 101 -11.03 21.04 -0.27
N THR A 102 -11.35 20.71 -1.52
CA THR A 102 -11.99 21.66 -2.40
C THR A 102 -13.48 21.71 -2.10
N GLU A 103 -14.18 22.63 -2.73
CA GLU A 103 -15.61 22.80 -2.46
C GLU A 103 -16.42 21.55 -2.78
N ASP A 104 -16.09 20.91 -3.88
CA ASP A 104 -16.74 19.68 -4.32
CA ASP A 104 -16.76 19.67 -4.30
C ASP A 104 -16.56 18.50 -3.35
N VAL A 105 -15.38 18.41 -2.72
CA VAL A 105 -15.06 17.28 -1.88
C VAL A 105 -14.52 17.75 -0.52
N PRO A 106 -15.41 18.18 0.35
CA PRO A 106 -14.99 18.70 1.65
C PRO A 106 -14.33 17.62 2.49
N VAL A 107 -13.49 18.03 3.43
CA VAL A 107 -12.81 17.07 4.28
C VAL A 107 -13.84 16.24 5.02
N SER A 108 -14.96 16.84 5.38
CA SER A 108 -16.00 16.09 6.09
C SER A 108 -16.49 14.89 5.28
N ALA A 109 -16.47 15.00 3.96
CA ALA A 109 -16.90 13.88 3.12
C ALA A 109 -15.87 12.75 3.17
N TYR A 110 -14.59 13.10 3.22
CA TYR A 110 -13.56 12.08 3.34
C TYR A 110 -13.63 11.44 4.71
N GLN A 111 -13.90 12.22 5.74
CA GLN A 111 -14.04 11.68 7.08
C GLN A 111 -15.21 10.70 7.07
N ASP A 112 -16.29 11.07 6.39
CA ASP A 112 -17.46 10.19 6.29
C ASP A 112 -17.09 8.84 5.66
N LEU A 113 -16.33 8.86 4.56
CA LEU A 113 -15.92 7.61 3.93
C LEU A 113 -15.18 6.74 4.94
N MET A 114 -14.21 7.33 5.64
CA MET A 114 -13.37 6.53 6.53
C MET A 114 -14.17 6.00 7.72
N GLU A 115 -15.13 6.79 8.21
CA GLU A 115 -16.07 6.31 9.22
C GLU A 115 -16.79 5.05 8.74
N ARG A 116 -17.31 5.09 7.53
CA ARG A 116 -18.09 3.97 7.02
C ARG A 116 -17.23 2.73 6.76
N ILE A 117 -16.01 2.93 6.28
CA ILE A 117 -15.10 1.82 6.08
C ILE A 117 -14.78 1.13 7.42
N ALA A 118 -14.40 1.91 8.42
CA ALA A 118 -14.10 1.35 9.73
C ALA A 118 -15.34 0.72 10.36
N LYS A 119 -16.49 1.37 10.24
CA LYS A 119 -17.70 0.83 10.84
C LYS A 119 -18.05 -0.52 10.25
N ARG A 120 -17.97 -0.65 8.94
CA ARG A 120 -18.27 -1.91 8.30
C ARG A 120 -17.30 -3.05 8.56
N TRP A 121 -16.02 -2.74 8.62
CA TRP A 121 -15.03 -3.81 8.64
C TRP A 121 -14.21 -3.96 9.92
N GLN A 122 -14.42 -3.12 10.91
CA GLN A 122 -13.63 -3.22 12.13
C GLN A 122 -13.85 -4.57 12.81
N GLY A 123 -15.01 -5.18 12.59
CA GLY A 123 -15.29 -6.47 13.18
C GLY A 123 -14.78 -7.65 12.38
N HIS A 124 -14.12 -7.38 11.26
CA HIS A 124 -13.62 -8.49 10.45
C HIS A 124 -12.22 -8.93 10.86
N ASP A 125 -12.09 -10.18 11.25
CA ASP A 125 -10.83 -10.71 11.76
C ASP A 125 -9.68 -10.57 10.77
N ALA A 126 -9.96 -10.65 9.47
CA ALA A 126 -8.89 -10.56 8.48
C ALA A 126 -8.36 -9.14 8.30
N LEU A 127 -9.11 -8.14 8.74
CA LEU A 127 -8.65 -6.77 8.57
C LEU A 127 -7.45 -6.51 9.47
N PHE A 128 -6.36 -6.00 8.88
CA PHE A 128 -5.14 -5.68 9.63
C PHE A 128 -4.95 -4.18 9.87
N ALA A 129 -5.18 -3.36 8.85
CA ALA A 129 -4.90 -1.94 8.95
C ALA A 129 -5.60 -1.17 7.84
N TYR A 130 -5.57 0.15 7.95
CA TYR A 130 -6.15 1.00 6.95
C TYR A 130 -5.09 1.91 6.35
N ASP A 131 -4.86 1.77 5.04
CA ASP A 131 -4.03 2.70 4.29
C ASP A 131 -5.03 3.72 3.75
N ILE A 132 -5.09 4.87 4.39
CA ILE A 132 -6.25 5.73 4.25
C ILE A 132 -6.35 6.42 2.90
N MET A 133 -5.22 6.53 2.20
CA MET A 133 -5.22 7.15 0.87
C MET A 133 -3.93 6.83 0.12
N ASN A 134 -4.08 6.32 -1.10
CA ASN A 134 -2.95 6.06 -1.97
C ASN A 134 -2.46 7.32 -2.69
N GLU A 135 -1.17 7.59 -2.57
CA GLU A 135 -0.45 8.56 -3.42
C GLU A 135 -1.13 9.91 -3.69
N PRO A 136 -1.33 10.71 -2.63
CA PRO A 136 -1.63 12.12 -2.89
C PRO A 136 -0.54 12.68 -3.82
N TYR A 137 -0.92 13.55 -4.74
CA TYR A 137 0.08 14.17 -5.62
C TYR A 137 -0.46 15.46 -6.22
N GLY A 138 0.47 16.29 -6.71
CA GLY A 138 0.13 17.48 -7.46
C GLY A 138 -0.70 18.47 -6.66
N SER A 139 -1.83 18.88 -7.22
CA SER A 139 -2.67 19.89 -6.60
C SER A 139 -3.32 19.40 -5.30
N ALA A 140 -3.16 18.12 -4.99
CA ALA A 140 -3.65 17.60 -3.71
C ALA A 140 -2.65 17.73 -2.56
N ASP A 141 -1.38 17.95 -2.88
CA ASP A 141 -0.33 17.91 -1.86
C ASP A 141 -0.57 18.89 -0.71
N LYS A 142 -0.91 20.14 -1.04
CA LYS A 142 -0.98 21.17 -0.01
C LYS A 142 -2.11 20.91 0.98
N LEU A 143 -3.22 20.39 0.48
CA LEU A 143 -4.39 20.14 1.31
C LEU A 143 -4.36 18.77 1.97
N TRP A 144 -3.40 17.94 1.59
CA TRP A 144 -3.43 16.56 2.07
C TRP A 144 -3.28 16.41 3.60
N PRO A 145 -2.35 17.15 4.22
CA PRO A 145 -2.25 16.96 5.67
C PRO A 145 -3.57 17.20 6.42
N ALA A 146 -4.34 18.20 6.02
CA ALA A 146 -5.63 18.45 6.63
C ALA A 146 -6.59 17.29 6.35
N ALA A 147 -6.57 16.79 5.12
CA ALA A 147 -7.40 15.65 4.77
C ALA A 147 -7.01 14.41 5.59
N ALA A 148 -5.72 14.21 5.77
CA ALA A 148 -5.24 13.05 6.52
C ALA A 148 -5.78 13.05 7.94
N GLN A 149 -5.81 14.19 8.59
CA GLN A 149 -6.33 14.24 9.94
C GLN A 149 -7.81 13.86 9.97
N ALA A 150 -8.56 14.32 8.97
CA ALA A 150 -9.98 13.99 8.87
C ALA A 150 -10.17 12.48 8.68
N GLY A 151 -9.30 11.86 7.88
CA GLY A 151 -9.35 10.42 7.67
C GLY A 151 -9.05 9.64 8.94
N ILE A 152 -8.04 10.07 9.68
CA ILE A 152 -7.71 9.47 10.97
C ILE A 152 -8.90 9.59 11.91
N ASP A 153 -9.47 10.79 11.99
CA ASP A 153 -10.62 11.03 12.87
C ASP A 153 -11.78 10.12 12.51
N GLY A 154 -11.99 9.92 11.21
CA GLY A 154 -13.05 9.06 10.72
C GLY A 154 -12.88 7.62 11.16
N VAL A 155 -11.71 7.04 10.92
CA VAL A 155 -11.47 5.67 11.32
C VAL A 155 -11.60 5.52 12.82
N ARG A 156 -11.02 6.44 13.56
CA ARG A 156 -10.92 6.29 15.01
C ARG A 156 -12.26 6.40 15.74
N LYS A 157 -13.29 6.87 15.06
CA LYS A 157 -14.62 6.87 15.65
C LYS A 157 -15.09 5.43 15.87
N TYR A 158 -14.65 4.53 15.01
CA TYR A 158 -15.14 3.14 14.99
C TYR A 158 -14.12 2.06 15.25
N ASP A 159 -12.84 2.39 15.07
CA ASP A 159 -11.77 1.42 15.28
C ASP A 159 -10.65 2.12 16.01
N LYS A 160 -10.53 1.82 17.29
CA LYS A 160 -9.52 2.46 18.10
C LYS A 160 -8.30 1.60 18.31
N LYS A 161 -8.21 0.49 17.59
CA LYS A 161 -7.09 -0.41 17.77
C LYS A 161 -6.09 -0.48 16.61
N ARG A 162 -6.59 -0.63 15.39
CA ARG A 162 -5.75 -0.95 14.25
C ARG A 162 -4.82 0.15 13.76
N PRO A 163 -3.69 -0.26 13.19
CA PRO A 163 -2.78 0.72 12.59
C PRO A 163 -3.44 1.52 11.48
N LEU A 164 -3.06 2.79 11.42
CA LEU A 164 -3.43 3.68 10.32
C LEU A 164 -2.17 3.95 9.52
N LEU A 165 -2.21 3.65 8.23
CA LEU A 165 -1.08 3.91 7.34
C LEU A 165 -1.33 5.22 6.60
N ILE A 166 -0.42 6.16 6.81
CA ILE A 166 -0.57 7.53 6.31
C ILE A 166 0.49 7.77 5.23
N GLU A 167 0.03 7.97 4.01
CA GLU A 167 0.93 8.27 2.91
C GLU A 167 1.24 9.77 2.85
N GLY A 168 2.28 10.11 2.11
CA GLY A 168 2.72 11.49 1.99
C GLY A 168 2.46 12.09 0.62
N ALA A 169 2.77 13.38 0.53
CA ALA A 169 2.70 14.12 -0.73
C ALA A 169 3.60 13.52 -1.80
N SER A 170 3.37 13.95 -3.04
CA SER A 170 4.27 13.63 -4.14
C SER A 170 4.36 12.12 -4.35
N TRP A 171 3.18 11.51 -4.51
CA TRP A 171 3.05 10.07 -4.69
C TRP A 171 3.69 9.27 -3.56
N SER A 172 3.64 9.83 -2.36
CA SER A 172 4.25 9.23 -1.18
C SER A 172 5.70 8.82 -1.43
N SER A 173 6.41 9.65 -2.19
CA SER A 173 7.78 9.33 -2.56
C SER A 173 8.66 9.16 -1.33
N ALA A 174 9.30 8.00 -1.21
CA ALA A 174 10.30 7.81 -0.16
C ALA A 174 11.51 8.72 -0.43
N ALA A 175 11.91 8.80 -1.70
CA ALA A 175 13.14 9.52 -2.05
C ALA A 175 13.04 11.01 -1.74
N ARG A 176 11.88 11.60 -1.92
CA ARG A 176 11.70 13.03 -1.66
C ARG A 176 11.04 13.30 -0.32
N TRP A 177 10.85 12.27 0.48
CA TRP A 177 10.05 12.35 1.70
C TRP A 177 10.31 13.60 2.57
N PRO A 178 11.57 13.84 2.98
CA PRO A 178 11.82 14.97 3.88
C PRO A 178 11.60 16.35 3.24
N ARG A 179 11.49 16.43 1.92
CA ARG A 179 11.20 17.72 1.29
C ARG A 179 9.86 18.27 1.78
N TYR A 180 8.91 17.37 2.04
CA TYR A 180 7.52 17.78 2.29
C TYR A 180 6.93 17.28 3.60
N ALA A 181 7.52 16.24 4.17
CA ALA A 181 6.86 15.49 5.24
C ALA A 181 6.72 16.22 6.57
N ASP A 182 7.45 17.30 6.76
CA ASP A 182 7.32 18.03 8.02
C ASP A 182 5.89 18.49 8.25
N GLU A 183 5.14 18.68 7.16
CA GLU A 183 3.74 19.08 7.25
CA GLU A 183 3.75 19.09 7.27
C GLU A 183 2.88 18.00 7.90
N LEU A 184 3.42 16.79 7.99
CA LEU A 184 2.68 15.67 8.59
C LEU A 184 2.92 15.55 10.09
N LEU A 185 3.84 16.34 10.62
CA LEU A 185 4.18 16.27 12.03
C LEU A 185 3.02 16.72 12.94
N LYS A 186 2.11 17.52 12.38
CA LYS A 186 0.93 17.94 13.15
C LYS A 186 -0.14 16.86 13.27
N LEU A 187 -0.03 15.77 12.52
CA LEU A 187 -1.02 14.71 12.61
C LEU A 187 -1.00 14.07 14.00
N LYS A 188 -2.18 13.80 14.53
CA LYS A 188 -2.32 13.16 15.83
C LYS A 188 -3.27 11.97 15.78
N ASP A 189 -2.84 10.88 16.39
CA ASP A 189 -3.67 9.69 16.51
C ASP A 189 -3.85 9.38 17.98
N PRO A 190 -5.09 9.50 18.48
CA PRO A 190 -5.33 9.25 19.91
C PRO A 190 -4.95 7.82 20.33
N ALA A 191 -4.95 6.88 19.39
CA ALA A 191 -4.63 5.49 19.69
C ALA A 191 -3.13 5.18 19.55
N ASP A 192 -2.36 6.16 19.13
CA ASP A 192 -0.92 5.96 19.00
C ASP A 192 -0.59 4.75 18.17
N ASN A 193 -1.26 4.59 17.04
CA ASN A 193 -0.95 3.49 16.15
C ASN A 193 -0.97 4.00 14.70
N MET A 194 -0.13 4.99 14.49
CA MET A 194 -0.05 5.67 13.20
CA MET A 194 -0.05 5.65 13.20
C MET A 194 1.30 5.37 12.56
N VAL A 195 1.28 5.01 11.29
CA VAL A 195 2.47 4.58 10.58
C VAL A 195 2.52 5.27 9.23
N PHE A 196 3.65 5.88 8.89
CA PHE A 196 3.81 6.49 7.57
C PHE A 196 4.19 5.45 6.55
N SER A 197 3.59 5.54 5.36
CA SER A 197 3.85 4.57 4.31
C SER A 197 4.29 5.23 3.02
N ALA A 198 5.54 4.98 2.63
CA ALA A 198 6.13 5.56 1.44
C ALA A 198 6.19 4.54 0.32
N HIS A 199 6.38 5.02 -0.90
CA HIS A 199 6.47 4.17 -2.08
C HIS A 199 7.80 4.36 -2.76
N VAL A 200 8.35 3.30 -3.33
CA VAL A 200 9.62 3.39 -4.01
C VAL A 200 9.68 2.45 -5.21
N TYR A 201 9.99 3.03 -6.38
CA TYR A 201 10.34 2.28 -7.57
C TYR A 201 11.74 2.71 -7.97
N ILE A 202 12.48 1.80 -8.61
CA ILE A 202 13.89 2.07 -8.87
C ILE A 202 14.23 2.25 -10.34
N ASP A 203 13.22 2.56 -11.15
CA ASP A 203 13.45 3.08 -12.48
C ASP A 203 13.89 4.54 -12.39
N GLU A 204 14.30 5.14 -13.50
CA GLU A 204 14.89 6.44 -13.42
CA GLU A 204 14.89 6.45 -13.40
C GLU A 204 14.01 7.53 -12.81
N ASP A 205 12.76 7.59 -13.21
CA ASP A 205 11.85 8.61 -12.68
C ASP A 205 11.01 8.14 -11.47
N ALA A 206 11.28 6.93 -10.99
CA ALA A 206 10.59 6.37 -9.83
C ALA A 206 9.07 6.22 -10.02
N SER A 207 8.65 6.17 -11.27
CA SER A 207 7.23 6.02 -11.60
C SER A 207 6.80 4.56 -11.64
N GLY A 208 7.77 3.65 -11.70
CA GLY A 208 7.45 2.25 -11.88
C GLY A 208 7.11 1.83 -13.30
N SER A 209 7.24 2.73 -14.28
CA SER A 209 6.98 2.34 -15.67
CA SER A 209 6.99 2.36 -15.68
C SER A 209 8.15 1.56 -16.29
N TYR A 210 9.33 1.69 -15.69
CA TYR A 210 10.55 1.01 -16.17
C TYR A 210 10.78 1.19 -17.67
N LYS A 211 10.96 2.45 -18.05
CA LYS A 211 11.23 2.81 -19.45
C LYS A 211 12.63 2.43 -19.92
N LYS A 212 13.50 2.14 -18.98
CA LYS A 212 14.84 1.66 -19.33
CA LYS A 212 14.85 1.69 -19.30
C LYS A 212 15.24 0.52 -18.40
N GLY A 213 16.29 -0.20 -18.79
CA GLY A 213 16.84 -1.22 -17.93
C GLY A 213 17.72 -0.57 -16.88
N PRO A 214 18.45 -1.37 -16.13
CA PRO A 214 19.29 -0.88 -15.04
C PRO A 214 20.32 0.10 -15.56
N GLY A 215 20.84 -0.15 -16.75
CA GLY A 215 21.83 0.71 -17.36
C GLY A 215 23.25 0.31 -17.03
N LYS A 216 24.19 0.91 -17.75
CA LYS A 216 25.62 0.65 -17.58
C LYS A 216 26.13 1.03 -16.20
N ASP A 217 25.60 2.12 -15.67
CA ASP A 217 26.03 2.70 -14.41
C ASP A 217 25.16 2.28 -13.23
N PHE A 218 24.55 1.10 -13.32
CA PHE A 218 23.63 0.64 -12.29
C PHE A 218 24.26 0.56 -10.91
N GLU A 219 23.53 1.02 -9.91
CA GLU A 219 23.97 0.98 -8.53
CA GLU A 219 23.99 0.96 -8.53
C GLU A 219 23.08 0.01 -7.75
N PRO A 220 23.63 -1.09 -7.26
CA PRO A 220 22.83 -2.05 -6.48
C PRO A 220 22.11 -1.45 -5.28
N MET A 221 22.65 -0.39 -4.71
CA MET A 221 22.03 0.22 -3.53
CA MET A 221 22.05 0.22 -3.53
C MET A 221 20.97 1.25 -3.86
N ILE A 222 20.59 1.34 -5.12
CA ILE A 222 19.61 2.35 -5.55
C ILE A 222 18.32 2.34 -4.71
N GLY A 223 17.79 1.17 -4.40
CA GLY A 223 16.59 1.10 -3.56
C GLY A 223 16.83 1.65 -2.16
N VAL A 224 17.94 1.21 -1.55
CA VAL A 224 18.31 1.67 -0.22
C VAL A 224 18.47 3.20 -0.23
N LYS A 225 19.16 3.72 -1.23
CA LYS A 225 19.42 5.15 -1.31
C LYS A 225 18.11 5.94 -1.40
N ARG A 226 17.12 5.35 -2.05
CA ARG A 226 15.85 6.04 -2.21
C ARG A 226 14.95 5.97 -0.99
N VAL A 227 15.16 4.98 -0.11
CA VAL A 227 14.35 4.93 1.11
CA VAL A 227 14.37 4.88 1.12
C VAL A 227 15.04 5.53 2.33
N GLU A 228 16.36 5.70 2.26
CA GLU A 228 17.08 6.33 3.36
C GLU A 228 16.51 7.69 3.79
N PRO A 229 16.12 8.55 2.83
CA PRO A 229 15.59 9.85 3.27
C PRO A 229 14.33 9.67 4.12
N PHE A 230 13.49 8.72 3.76
CA PHE A 230 12.29 8.38 4.53
C PHE A 230 12.65 7.80 5.90
N VAL A 231 13.47 6.76 5.92
CA VAL A 231 13.79 6.09 7.16
C VAL A 231 14.52 7.03 8.12
N ASN A 232 15.44 7.82 7.59
CA ASN A 232 16.14 8.79 8.44
C ASN A 232 15.22 9.85 9.03
N TRP A 233 14.22 10.28 8.26
CA TRP A 233 13.21 11.21 8.78
C TRP A 233 12.42 10.56 9.92
N LEU A 234 12.04 9.29 9.72
CA LEU A 234 11.33 8.57 10.78
C LEU A 234 12.16 8.54 12.06
N LYS A 235 13.44 8.22 11.92
CA LYS A 235 14.32 8.17 13.10
C LYS A 235 14.44 9.53 13.76
N GLU A 236 14.66 10.57 12.98
CA GLU A 236 14.80 11.90 13.50
CA GLU A 236 14.79 11.90 13.52
C GLU A 236 13.56 12.40 14.24
N HIS A 237 12.39 11.99 13.78
CA HIS A 237 11.14 12.50 14.35
C HIS A 237 10.40 11.50 15.22
N GLY A 238 11.01 10.35 15.47
CA GLY A 238 10.42 9.33 16.33
C GLY A 238 9.12 8.77 15.79
N LYS A 239 9.09 8.55 14.48
CA LYS A 239 7.89 8.04 13.83
C LYS A 239 8.11 6.62 13.31
N LYS A 240 7.03 6.00 12.87
CA LYS A 240 7.07 4.62 12.42
C LYS A 240 6.76 4.57 10.93
N GLY A 241 7.32 3.58 10.23
CA GLY A 241 7.18 3.53 8.80
C GLY A 241 6.88 2.18 8.17
N HIS A 242 6.77 2.22 6.84
CA HIS A 242 6.19 1.15 6.05
C HIS A 242 6.44 1.52 4.61
N ILE A 243 6.68 0.52 3.76
CA ILE A 243 6.78 0.73 2.32
C ILE A 243 5.60 0.03 1.64
N GLY A 244 4.63 0.81 1.17
CA GLY A 244 3.39 0.27 0.64
C GLY A 244 3.47 -0.24 -0.80
N GLU A 245 4.48 0.19 -1.54
CA GLU A 245 4.69 -0.27 -2.92
C GLU A 245 6.16 -0.26 -3.28
N PHE A 246 6.59 -1.35 -3.90
CA PHE A 246 7.87 -1.46 -4.57
C PHE A 246 7.71 -2.63 -5.53
N GLY A 247 8.14 -2.46 -6.77
CA GLY A 247 8.11 -3.57 -7.73
C GLY A 247 9.22 -3.41 -8.76
N ILE A 248 9.58 -4.52 -9.41
CA ILE A 248 10.60 -4.54 -10.45
C ILE A 248 10.21 -5.52 -11.54
N PRO A 249 10.72 -5.33 -12.76
CA PRO A 249 10.51 -6.30 -13.83
C PRO A 249 11.25 -7.61 -13.54
N ASN A 250 10.86 -8.68 -14.23
CA ASN A 250 11.50 -9.99 -14.07
C ASN A 250 12.58 -10.28 -15.11
N ASP A 251 13.00 -9.27 -15.87
CA ASP A 251 13.88 -9.52 -17.01
C ASP A 251 15.32 -9.04 -16.86
N ASP A 252 15.76 -8.79 -15.62
CA ASP A 252 17.15 -8.41 -15.40
C ASP A 252 17.56 -8.71 -13.99
N GLU A 253 18.58 -9.54 -13.85
CA GLU A 253 19.02 -10.02 -12.55
C GLU A 253 19.44 -8.87 -11.67
N ARG A 254 19.92 -7.80 -12.28
CA ARG A 254 20.37 -6.64 -11.51
C ARG A 254 19.24 -6.04 -10.66
N TRP A 255 18.03 -6.01 -11.19
CA TRP A 255 16.91 -5.50 -10.39
C TRP A 255 16.74 -6.33 -9.12
N LEU A 256 16.95 -7.64 -9.22
CA LEU A 256 16.77 -8.54 -8.08
CA LEU A 256 16.76 -8.53 -8.08
C LEU A 256 17.79 -8.26 -6.99
N ASP A 257 19.02 -7.97 -7.40
CA ASP A 257 20.06 -7.64 -6.44
C ASP A 257 19.69 -6.35 -5.69
N ALA A 258 19.20 -5.35 -6.40
CA ALA A 258 18.77 -4.12 -5.75
C ALA A 258 17.60 -4.37 -4.80
N MET A 259 16.68 -5.23 -5.21
CA MET A 259 15.55 -5.61 -4.36
C MET A 259 16.06 -6.29 -3.08
N ASP A 260 17.04 -7.18 -3.23
CA ASP A 260 17.64 -7.88 -2.10
C ASP A 260 18.26 -6.89 -1.11
N LYS A 261 19.06 -5.96 -1.61
CA LYS A 261 19.67 -4.93 -0.77
CA LYS A 261 19.68 -4.98 -0.73
C LYS A 261 18.60 -4.13 -0.04
N LEU A 262 17.55 -3.74 -0.77
CA LEU A 262 16.46 -2.98 -0.17
C LEU A 262 15.81 -3.78 0.97
N LEU A 263 15.49 -5.04 0.70
CA LEU A 263 14.85 -5.89 1.70
C LEU A 263 15.73 -6.02 2.95
N ALA A 264 17.04 -6.13 2.75
CA ALA A 264 17.94 -6.23 3.90
C ALA A 264 17.88 -4.97 4.78
N TYR A 265 17.89 -3.81 4.13
CA TYR A 265 17.85 -2.54 4.84
C TYR A 265 16.51 -2.36 5.56
N LEU A 266 15.41 -2.69 4.90
CA LEU A 266 14.10 -2.60 5.53
C LEU A 266 14.00 -3.58 6.69
N ASN A 267 14.54 -4.78 6.52
CA ASN A 267 14.50 -5.76 7.59
C ASN A 267 15.25 -5.24 8.82
N GLU A 268 16.42 -4.66 8.59
CA GLU A 268 17.26 -4.15 9.65
CA GLU A 268 17.26 -4.15 9.65
C GLU A 268 16.55 -3.07 10.45
N ASN A 269 15.71 -2.31 9.76
CA ASN A 269 14.99 -1.19 10.35
C ASN A 269 13.53 -1.49 10.70
N CYS A 270 13.16 -2.76 10.63
CA CYS A 270 11.82 -3.21 10.94
CA CYS A 270 11.80 -3.22 10.96
C CYS A 270 10.72 -2.50 10.14
N ILE A 271 11.00 -2.23 8.88
CA ILE A 271 10.04 -1.56 8.03
CA ILE A 271 10.02 -1.57 8.04
C ILE A 271 9.41 -2.62 7.12
N PRO A 272 8.10 -2.84 7.25
CA PRO A 272 7.43 -3.79 6.36
C PRO A 272 7.30 -3.29 4.94
N ILE A 273 7.17 -4.21 4.00
CA ILE A 273 7.02 -3.87 2.60
C ILE A 273 5.83 -4.60 2.00
N ASN A 274 5.17 -3.95 1.06
CA ASN A 274 4.15 -4.61 0.26
C ASN A 274 4.62 -4.55 -1.18
N TYR A 275 4.93 -5.70 -1.77
CA TYR A 275 5.39 -5.75 -3.15
C TYR A 275 4.26 -5.39 -4.11
N TRP A 276 4.57 -4.58 -5.10
CA TRP A 276 3.57 -4.23 -6.13
C TRP A 276 3.97 -4.90 -7.44
N ALA A 277 3.16 -5.87 -7.90
CA ALA A 277 1.91 -6.30 -7.28
C ALA A 277 1.57 -7.71 -7.76
N ALA A 278 0.78 -8.40 -6.95
CA ALA A 278 0.07 -9.59 -7.39
C ALA A 278 -1.33 -9.15 -7.79
N GLY A 279 -2.14 -10.07 -8.30
CA GLY A 279 -3.54 -9.75 -8.58
C GLY A 279 -4.16 -10.73 -9.55
N PRO A 280 -5.49 -10.85 -9.51
CA PRO A 280 -6.16 -11.87 -10.33
C PRO A 280 -6.28 -11.56 -11.81
N SER A 281 -5.99 -10.34 -12.25
CA SER A 281 -6.18 -9.99 -13.66
C SER A 281 -5.16 -8.98 -14.17
N TRP A 282 -3.88 -9.34 -14.07
CA TRP A 282 -2.80 -8.45 -14.50
C TRP A 282 -2.32 -8.70 -15.91
N GLY A 283 -2.60 -9.88 -16.45
CA GLY A 283 -2.10 -10.18 -17.78
C GLY A 283 -0.58 -10.06 -17.82
N ASN A 284 -0.09 -9.35 -18.82
CA ASN A 284 1.35 -9.24 -19.09
C ASN A 284 2.08 -8.14 -18.31
N TYR A 285 1.42 -7.56 -17.31
CA TYR A 285 2.00 -6.42 -16.61
C TYR A 285 3.39 -6.78 -16.12
N LYS A 286 4.34 -5.90 -16.41
CA LYS A 286 5.76 -6.16 -16.15
C LYS A 286 6.17 -6.39 -14.70
N LEU A 287 5.47 -5.75 -13.77
CA LEU A 287 5.80 -5.87 -12.35
C LEU A 287 5.07 -7.01 -11.64
N SER A 288 4.16 -7.65 -12.34
CA SER A 288 3.33 -8.69 -11.74
C SER A 288 4.11 -9.87 -11.20
N ILE A 289 3.72 -10.31 -10.02
CA ILE A 289 4.26 -11.54 -9.44
C ILE A 289 3.20 -12.64 -9.42
N GLU A 290 2.06 -12.38 -10.04
CA GLU A 290 1.04 -13.42 -10.13
C GLU A 290 1.55 -14.49 -11.07
N PRO A 291 1.28 -15.75 -10.79
CA PRO A 291 1.74 -16.79 -11.70
C PRO A 291 1.12 -16.60 -13.07
N LYS A 292 1.92 -16.82 -14.11
CA LYS A 292 1.46 -16.70 -15.48
C LYS A 292 2.24 -17.66 -16.34
N ASP A 293 1.58 -18.37 -17.25
CA ASP A 293 2.33 -19.34 -18.09
CA ASP A 293 2.32 -19.34 -18.04
C ASP A 293 3.45 -18.67 -18.81
N GLY A 294 4.62 -19.28 -18.69
CA GLY A 294 5.81 -18.82 -19.37
C GLY A 294 6.57 -17.69 -18.70
N GLU A 295 6.12 -17.29 -17.51
CA GLU A 295 6.79 -16.23 -16.80
C GLU A 295 7.38 -16.72 -15.49
N LYS A 296 8.64 -16.40 -15.27
CA LYS A 296 9.29 -16.68 -14.02
C LYS A 296 9.09 -15.47 -13.12
N ARG A 297 8.91 -15.71 -11.84
CA ARG A 297 8.72 -14.62 -10.89
C ARG A 297 9.78 -14.73 -9.81
N PRO A 298 11.01 -14.36 -10.19
CA PRO A 298 12.11 -14.49 -9.24
C PRO A 298 11.93 -13.59 -8.01
N GLN A 299 11.12 -12.55 -8.13
CA GLN A 299 10.84 -11.67 -7.01
C GLN A 299 10.20 -12.47 -5.86
N VAL A 300 9.35 -13.43 -6.21
CA VAL A 300 8.69 -14.25 -5.20
C VAL A 300 9.64 -15.11 -4.40
N ALA A 301 10.61 -15.74 -5.06
CA ALA A 301 11.58 -16.56 -4.35
C ALA A 301 12.34 -15.70 -3.36
N LEU A 302 12.68 -14.49 -3.78
CA LEU A 302 13.38 -13.56 -2.92
C LEU A 302 12.54 -13.13 -1.72
N LEU A 303 11.26 -12.82 -1.95
CA LEU A 303 10.35 -12.44 -0.88
C LEU A 303 10.23 -13.59 0.12
N LYS A 304 10.20 -14.81 -0.40
CA LYS A 304 10.09 -15.99 0.43
C LYS A 304 11.28 -16.16 1.37
N LYS A 305 12.49 -15.85 0.92
CA LYS A 305 13.65 -15.96 1.79
C LYS A 305 13.47 -15.02 2.97
N TYR A 306 13.05 -13.79 2.68
CA TYR A 306 12.80 -12.80 3.74
C TYR A 306 11.62 -13.12 4.66
N ALA A 307 10.59 -13.72 4.09
CA ALA A 307 9.38 -14.05 4.85
C ALA A 307 9.69 -14.99 6.00
N ALA A 308 10.71 -15.82 5.81
CA ALA A 308 11.19 -16.74 6.84
C ALA A 308 11.84 -16.05 8.04
N LYS A 309 12.40 -14.86 7.84
CA LYS A 309 13.05 -14.11 8.91
C LYS A 309 12.05 -13.61 9.95
N ASP A 310 12.49 -13.52 11.19
CA ASP A 310 11.60 -13.09 12.27
C ASP A 310 11.05 -11.70 11.96
N ASN A 311 9.79 -11.51 12.31
CA ASN A 311 9.16 -10.22 12.29
C ASN A 311 9.61 -9.42 13.50
N CYS A 312 9.41 -8.12 13.42
CA CYS A 312 9.66 -7.25 14.55
C CYS A 312 8.40 -7.18 15.39
N SER A 313 8.52 -6.66 16.60
CA SER A 313 7.39 -6.53 17.50
C SER A 313 6.36 -5.51 17.05
N ASP A 314 6.83 -4.50 16.34
CA ASP A 314 5.97 -3.40 15.92
C ASP A 314 6.63 -2.75 14.71
N PHE A 315 5.94 -1.81 14.10
CA PHE A 315 6.51 -1.07 12.98
C PHE A 315 7.73 -0.31 13.45
N GLY A 316 8.84 -0.45 12.73
CA GLY A 316 10.05 0.28 13.05
C GLY A 316 10.05 1.66 12.41
N PRO A 317 11.20 2.34 12.46
CA PRO A 317 12.44 1.91 13.10
C PRO A 317 12.33 1.90 14.62
N ALA A 318 13.12 1.05 15.26
CA ALA A 318 13.12 0.96 16.71
C ALA A 318 13.43 2.34 17.31
N LYS A 319 12.87 2.63 18.46
CA LYS A 319 13.19 3.88 19.14
C LYS A 319 14.66 3.86 19.55
N ALA A 320 15.27 5.04 19.63
CA ALA A 320 16.63 5.14 20.13
C ALA A 320 16.55 4.83 21.62
N GLU A 321 17.62 4.28 22.17
CA GLU A 321 17.62 3.96 23.60
C GLU A 321 18.99 4.16 24.20
C2 BGC B . 7.88 11.02 -9.83
C3 BGC B . 6.99 9.85 -10.22
C4 BGC B . 5.75 10.36 -10.97
C5 BGC B . 6.16 11.29 -12.10
C6 BGC B . 4.94 11.91 -12.77
C1 BGC B . 8.22 11.80 -11.08
O1 BGC B . 9.07 12.88 -10.71
O2 BGC B . 9.08 10.55 -9.17
O3 BGC B . 6.60 9.16 -9.02
O4 BGC B . 5.03 9.27 -11.56
O5 BGC B . 7.00 12.31 -11.61
O6 BGC B . 5.33 12.69 -13.90
C2 BGC B . 2.99 8.06 -11.65
C3 BGC B . 1.98 7.26 -10.84
C4 BGC B . 2.70 6.19 -10.02
C5 BGC B . 3.82 6.83 -9.19
C6 BGC B . 4.67 5.76 -8.51
C1 BGC B . 4.07 8.63 -10.74
O2 BGC B . 2.33 9.11 -12.35
O3 BGC B . 1.06 6.62 -11.72
O4 BGC B . 1.76 5.55 -9.17
O5 BGC B . 4.70 7.55 -10.06
O6 BGC B . 5.78 6.38 -7.84
C TRS C . -25.09 -9.18 1.31
C1 TRS C . -25.97 -8.38 0.36
C2 TRS C . -24.51 -10.39 0.57
C3 TRS C . -25.90 -9.64 2.51
N TRS C . -23.99 -8.34 1.79
O1 TRS C . -26.44 -7.22 1.00
O2 TRS C . -23.68 -9.97 -0.50
O3 TRS C . -25.04 -10.26 3.45
C TRS D . 15.66 -9.01 12.37
C1 TRS D . 16.21 -8.98 13.79
C2 TRS D . 14.73 -7.82 12.15
C3 TRS D . 14.93 -10.34 12.15
N TRS D . 16.79 -8.91 11.45
O1 TRS D . 17.16 -10.00 13.97
O2 TRS D . 15.43 -6.63 12.37
O3 TRS D . 14.26 -10.37 10.90
#